data_5DMM
#
_entry.id   5DMM
#
_cell.length_a   78.949
_cell.length_b   85.924
_cell.length_c   87.662
_cell.angle_alpha   90.00
_cell.angle_beta   90.00
_cell.angle_gamma   90.00
#
_symmetry.space_group_name_H-M   'I 2 2 2'
#
loop_
_entity.id
_entity.type
_entity.pdbx_description
1 polymer 'Homocysteine S-methyltransferase'
2 non-polymer 'ZINC ION'
3 non-polymer BETA-MERCAPTOETHANOL
4 non-polymer '2-AMINO-4-MERCAPTO-BUTYRIC ACID'
5 water water
#
_entity_poly.entity_id   1
_entity_poly.type   'polypeptide(L)'
_entity_poly.pdbx_seq_one_letter_code
;MSQNNPLRALLDKQDILLLDGAMATELEARGCNLADSLWSAKVLVENPELIREVHLDYYRAGAQCAITASYQATPAGFAA
RGLDEAQSKALIGKSVELARKAREAYLAENPQAGTLLVAGSVGPYGAYLADGSEYRGDYHCSVEAFQAFHRPRVEALLDA
GADLLACETLPNFSEIEALAELLTAYPRARAWFSFTLRDSEHLSDGTPLRDVVALLAGYPQVVALGINCIALENTTAALQ
HLHGLTVLPLVVYPNSGEHYDAVSKTWHHHGEHCAQLADYLPQWQAAGARLIGGCCRTTPADIAALKARS
;
_entity_poly.pdbx_strand_id   A
#
loop_
_chem_comp.id
_chem_comp.type
_chem_comp.name
_chem_comp.formula
BME non-polymer BETA-MERCAPTOETHANOL 'C2 H6 O S'
ZN non-polymer 'ZINC ION' 'Zn 2'
#
# COMPACT_ATOMS: atom_id res chain seq x y z
N ASN A 5 16.68 -5.85 4.02
CA ASN A 5 15.72 -5.55 2.95
C ASN A 5 14.84 -6.75 2.62
N PRO A 6 13.55 -6.67 2.98
CA PRO A 6 12.59 -7.75 2.72
C PRO A 6 12.41 -8.05 1.22
N LEU A 7 12.79 -7.11 0.36
CA LEU A 7 12.57 -7.30 -1.07
C LEU A 7 13.70 -8.02 -1.78
N ARG A 8 14.91 -7.98 -1.22
CA ARG A 8 16.08 -8.40 -1.98
C ARG A 8 16.05 -9.89 -2.33
N ALA A 9 15.64 -10.73 -1.39
CA ALA A 9 15.56 -12.17 -1.62
C ALA A 9 14.66 -12.48 -2.82
N LEU A 10 13.49 -11.85 -2.85
CA LEU A 10 12.55 -12.06 -3.95
C LEU A 10 13.08 -11.44 -5.25
N LEU A 11 13.64 -10.24 -5.17
CA LEU A 11 14.05 -9.54 -6.39
C LEU A 11 15.38 -10.08 -6.93
N ASP A 12 16.10 -10.87 -6.13
CA ASP A 12 17.29 -11.56 -6.61
C ASP A 12 16.91 -12.77 -7.46
N LYS A 13 15.66 -13.20 -7.38
CA LYS A 13 15.26 -14.48 -7.96
C LYS A 13 14.27 -14.37 -9.13
N GLN A 14 13.64 -13.21 -9.26
CA GLN A 14 12.64 -13.02 -10.30
C GLN A 14 12.52 -11.53 -10.60
N ASP A 15 12.12 -11.19 -11.83
CA ASP A 15 11.98 -9.79 -12.20
C ASP A 15 10.80 -9.11 -11.51
N ILE A 16 9.67 -9.80 -11.47
CA ILE A 16 8.41 -9.22 -10.98
C ILE A 16 7.98 -9.83 -9.64
N LEU A 17 7.57 -8.96 -8.72
CA LEU A 17 6.94 -9.33 -7.46
C LEU A 17 5.47 -8.94 -7.52
N LEU A 18 4.54 -9.87 -7.36
CA LEU A 18 3.13 -9.51 -7.48
C LEU A 18 2.57 -9.02 -6.15
N LEU A 19 1.84 -7.92 -6.20
CA LEU A 19 1.12 -7.44 -5.03
C LEU A 19 -0.28 -8.04 -5.02
N ASP A 20 -1.13 -7.57 -4.12
CA ASP A 20 -2.51 -8.03 -4.12
C ASP A 20 -3.38 -7.00 -4.80
N GLY A 21 -4.68 -7.09 -4.58
CA GLY A 21 -5.61 -6.14 -5.14
C GLY A 21 -6.56 -5.62 -4.07
N ALA A 22 -7.68 -5.05 -4.49
CA ALA A 22 -8.61 -4.42 -3.55
C ALA A 22 -9.24 -5.43 -2.56
N MET A 23 -9.41 -4.96 -1.34
CA MET A 23 -10.02 -5.72 -0.26
C MET A 23 -11.54 -5.59 -0.34
N ALA A 24 -12.00 -4.37 -0.62
CA ALA A 24 -13.43 -4.02 -0.57
C ALA A 24 -14.32 -4.84 -1.50
N THR A 25 -13.87 -5.01 -2.75
CA THR A 25 -14.62 -5.78 -3.74
C THR A 25 -14.96 -7.17 -3.22
N GLU A 26 -13.95 -7.82 -2.66
CA GLU A 26 -14.07 -9.19 -2.18
C GLU A 26 -14.93 -9.29 -0.95
N LEU A 27 -14.81 -8.32 -0.05
CA LEU A 27 -15.64 -8.33 1.17
C LEU A 27 -17.11 -8.14 0.82
N GLU A 28 -17.37 -7.20 -0.08
CA GLU A 28 -18.73 -6.97 -0.55
C GLU A 28 -19.35 -8.18 -1.25
N ALA A 29 -18.55 -8.89 -2.06
CA ALA A 29 -19.02 -10.10 -2.70
C ALA A 29 -19.42 -11.16 -1.67
N ARG A 30 -18.77 -11.13 -0.50
CA ARG A 30 -19.06 -12.09 0.56
C ARG A 30 -20.16 -11.60 1.50
N GLY A 31 -20.78 -10.48 1.15
CA GLY A 31 -21.94 -9.99 1.88
C GLY A 31 -21.76 -8.77 2.76
N CYS A 32 -20.56 -8.24 2.82
CA CYS A 32 -20.29 -7.08 3.68
C CYS A 32 -20.89 -5.78 3.15
N ASN A 33 -21.47 -5.01 4.07
CA ASN A 33 -21.89 -3.65 3.75
C ASN A 33 -20.83 -2.68 4.27
N LEU A 34 -20.12 -2.06 3.34
CA LEU A 34 -19.08 -1.10 3.69
C LEU A 34 -19.64 0.30 3.54
N ALA A 35 -20.33 0.77 4.57
CA ALA A 35 -21.16 1.97 4.49
C ALA A 35 -20.38 3.28 4.48
N ASP A 36 -19.20 3.29 5.11
CA ASP A 36 -18.41 4.50 5.21
C ASP A 36 -16.93 4.18 5.18
N SER A 37 -16.10 5.21 5.20
CA SER A 37 -14.66 5.02 5.07
C SER A 37 -14.00 4.41 6.30
N LEU A 38 -14.75 4.27 7.40
CA LEU A 38 -14.15 3.65 8.57
C LEU A 38 -14.61 2.21 8.69
N TRP A 39 -14.97 1.60 7.56
CA TRP A 39 -15.53 0.26 7.58
C TRP A 39 -14.58 -0.76 8.21
N SER A 40 -13.27 -0.52 8.11
CA SER A 40 -12.30 -1.47 8.65
C SER A 40 -12.47 -1.70 10.15
N ALA A 41 -12.89 -0.68 10.89
CA ALA A 41 -13.08 -0.81 12.33
C ALA A 41 -14.19 -1.82 12.63
N LYS A 42 -15.24 -1.79 11.81
CA LYS A 42 -16.34 -2.73 12.00
C LYS A 42 -15.95 -4.12 11.56
N VAL A 43 -15.40 -4.25 10.36
CA VAL A 43 -15.09 -5.59 9.83
C VAL A 43 -13.98 -6.26 10.63
N LEU A 44 -13.00 -5.49 11.10
CA LEU A 44 -11.90 -6.08 11.88
C LEU A 44 -12.43 -6.66 13.19
N VAL A 45 -13.50 -6.05 13.68
CA VAL A 45 -14.13 -6.53 14.91
C VAL A 45 -15.15 -7.63 14.64
N GLU A 46 -16.06 -7.40 13.70
CA GLU A 46 -17.21 -8.28 13.53
C GLU A 46 -16.98 -9.46 12.57
N ASN A 47 -16.15 -9.25 11.55
CA ASN A 47 -15.85 -10.31 10.60
C ASN A 47 -14.37 -10.42 10.19
N PRO A 48 -13.47 -10.53 11.18
CA PRO A 48 -12.06 -10.56 10.81
C PRO A 48 -11.71 -11.77 9.96
N GLU A 49 -12.51 -12.84 10.06
CA GLU A 49 -12.23 -14.03 9.30
C GLU A 49 -12.43 -13.80 7.80
N LEU A 50 -13.27 -12.84 7.42
CA LEU A 50 -13.47 -12.57 6.00
C LEU A 50 -12.26 -11.83 5.44
N ILE A 51 -11.67 -10.94 6.24
CA ILE A 51 -10.44 -10.25 5.81
C ILE A 51 -9.30 -11.25 5.59
N ARG A 52 -9.17 -12.18 6.53
CA ARG A 52 -8.16 -13.24 6.41
C ARG A 52 -8.42 -14.09 5.17
N GLU A 53 -9.68 -14.40 4.89
CA GLU A 53 -10.04 -15.18 3.72
C GLU A 53 -9.65 -14.45 2.43
N VAL A 54 -9.86 -13.15 2.39
CA VAL A 54 -9.51 -12.39 1.19
C VAL A 54 -7.99 -12.37 0.98
N HIS A 55 -7.24 -12.22 2.06
CA HIS A 55 -5.77 -12.27 1.93
C HIS A 55 -5.35 -13.64 1.38
N LEU A 56 -5.97 -14.70 1.89
CA LEU A 56 -5.66 -16.05 1.43
C LEU A 56 -6.02 -16.20 -0.05
N ASP A 57 -7.16 -15.65 -0.43
CA ASP A 57 -7.60 -15.60 -1.82
C ASP A 57 -6.54 -14.99 -2.76
N TYR A 58 -5.96 -13.88 -2.33
CA TYR A 58 -4.95 -13.22 -3.16
C TYR A 58 -3.65 -14.01 -3.21
N TYR A 59 -3.23 -14.61 -2.09
CA TYR A 59 -2.02 -15.43 -2.14
C TYR A 59 -2.24 -16.61 -3.11
N ARG A 60 -3.45 -17.17 -3.12
CA ARG A 60 -3.79 -18.25 -4.04
C ARG A 60 -3.73 -17.79 -5.49
N ALA A 61 -4.14 -16.54 -5.75
CA ALA A 61 -4.15 -15.99 -7.09
C ALA A 61 -2.73 -15.68 -7.59
N GLY A 62 -1.76 -15.68 -6.69
CA GLY A 62 -0.39 -15.46 -7.07
C GLY A 62 0.30 -14.29 -6.40
N ALA A 63 -0.42 -13.54 -5.57
CA ALA A 63 0.18 -12.43 -4.84
C ALA A 63 1.31 -12.92 -3.96
N GLN A 64 2.41 -12.17 -3.92
CA GLN A 64 3.51 -12.52 -3.02
C GLN A 64 3.63 -11.50 -1.90
N CYS A 65 2.76 -10.50 -1.93
CA CYS A 65 2.68 -9.51 -0.86
C CYS A 65 1.24 -9.10 -0.60
N ALA A 66 0.79 -9.27 0.65
CA ALA A 66 -0.51 -8.76 1.06
C ALA A 66 -0.40 -7.35 1.62
N ILE A 67 -1.36 -6.51 1.30
CA ILE A 67 -1.39 -5.16 1.90
C ILE A 67 -2.52 -5.12 2.93
N THR A 68 -2.19 -4.76 4.17
CA THR A 68 -3.15 -4.88 5.28
C THR A 68 -4.30 -3.88 5.14
N ALA A 69 -5.40 -4.15 5.84
CA ALA A 69 -6.58 -3.30 5.77
C ALA A 69 -6.49 -2.10 6.72
N SER A 70 -5.36 -1.38 6.68
CA SER A 70 -5.13 -0.30 7.64
C SER A 70 -5.07 1.08 6.98
N TYR A 71 -5.46 1.16 5.71
CA TYR A 71 -5.37 2.41 4.94
C TYR A 71 -6.01 3.61 5.64
N GLN A 72 -7.13 3.37 6.29
CA GLN A 72 -7.85 4.42 7.01
C GLN A 72 -7.96 4.09 8.50
N ALA A 73 -7.07 3.22 8.98
CA ALA A 73 -7.02 2.88 10.40
C ALA A 73 -5.94 3.70 11.14
N THR A 74 -6.36 4.84 11.70
CA THR A 74 -5.50 5.63 12.57
C THR A 74 -6.31 5.98 13.82
N PRO A 75 -5.62 6.30 14.92
CA PRO A 75 -6.34 6.82 16.09
C PRO A 75 -7.17 8.06 15.74
N ALA A 76 -6.66 8.96 14.91
CA ALA A 76 -7.42 10.13 14.46
C ALA A 76 -8.76 9.74 13.81
N GLY A 77 -8.69 8.83 12.84
CA GLY A 77 -9.88 8.37 12.15
C GLY A 77 -10.85 7.65 13.08
N PHE A 78 -10.33 6.73 13.89
CA PHE A 78 -11.19 5.84 14.66
C PHE A 78 -11.74 6.49 15.93
N ALA A 79 -11.33 7.73 16.20
CA ALA A 79 -11.86 8.46 17.36
C ALA A 79 -13.34 8.78 17.12
N ALA A 80 -13.74 8.86 15.86
CA ALA A 80 -15.16 9.08 15.54
C ALA A 80 -16.00 7.84 15.87
N ARG A 81 -15.34 6.72 16.17
CA ARG A 81 -16.05 5.51 16.57
C ARG A 81 -15.93 5.24 18.05
N GLY A 82 -15.44 6.24 18.79
CA GLY A 82 -15.28 6.14 20.23
C GLY A 82 -14.09 5.31 20.70
N LEU A 83 -13.13 5.04 19.81
CA LEU A 83 -11.94 4.27 20.17
C LEU A 83 -10.79 5.21 20.52
N ASP A 84 -10.04 4.88 21.58
CA ASP A 84 -8.87 5.68 21.90
C ASP A 84 -7.67 5.11 21.16
N GLU A 85 -6.50 5.65 21.46
CA GLU A 85 -5.30 5.33 20.68
C GLU A 85 -4.94 3.85 20.78
N ALA A 86 -4.98 3.33 22.01
CA ALA A 86 -4.60 1.95 22.26
C ALA A 86 -5.56 0.98 21.58
N GLN A 87 -6.86 1.26 21.67
CA GLN A 87 -7.88 0.46 20.98
C GLN A 87 -7.60 0.48 19.48
N SER A 88 -7.29 1.67 18.97
CA SER A 88 -7.01 1.84 17.53
C SER A 88 -5.77 1.06 17.12
N LYS A 89 -4.72 1.13 17.92
CA LYS A 89 -3.50 0.38 17.63
C LYS A 89 -3.75 -1.13 17.69
N ALA A 90 -4.65 -1.57 18.55
CA ALA A 90 -5.05 -2.97 18.56
C ALA A 90 -5.64 -3.40 17.23
N LEU A 91 -6.48 -2.55 16.64
CA LEU A 91 -7.13 -2.92 15.40
C LEU A 91 -6.12 -2.85 14.25
N ILE A 92 -5.22 -1.88 14.32
CA ILE A 92 -4.18 -1.77 13.29
C ILE A 92 -3.32 -3.02 13.32
N GLY A 93 -2.93 -3.43 14.53
CA GLY A 93 -2.13 -4.63 14.69
C GLY A 93 -2.86 -5.88 14.21
N LYS A 94 -4.16 -5.93 14.49
CA LYS A 94 -5.00 -7.03 14.03
C LYS A 94 -5.00 -7.17 12.51
N SER A 95 -4.94 -6.06 11.80
CA SER A 95 -4.94 -6.08 10.33
C SER A 95 -3.71 -6.82 9.82
N VAL A 96 -2.60 -6.70 10.54
CA VAL A 96 -1.35 -7.39 10.23
C VAL A 96 -1.45 -8.85 10.60
N GLU A 97 -2.01 -9.10 11.78
CA GLU A 97 -2.16 -10.47 12.26
C GLU A 97 -2.98 -11.32 11.28
N LEU A 98 -4.05 -10.75 10.74
CA LEU A 98 -4.92 -11.51 9.83
C LEU A 98 -4.22 -11.82 8.52
N ALA A 99 -3.37 -10.91 8.05
CA ALA A 99 -2.61 -11.19 6.84
C ALA A 99 -1.54 -12.24 7.12
N ARG A 100 -0.93 -12.17 8.30
CA ARG A 100 0.09 -13.16 8.67
C ARG A 100 -0.55 -14.54 8.82
N LYS A 101 -1.77 -14.58 9.36
CA LYS A 101 -2.51 -15.83 9.50
C LYS A 101 -2.82 -16.43 8.13
N ALA A 102 -3.20 -15.58 7.17
CA ALA A 102 -3.46 -16.06 5.81
C ALA A 102 -2.18 -16.61 5.15
N ARG A 103 -1.04 -15.98 5.44
CA ARG A 103 0.24 -16.45 4.95
C ARG A 103 0.60 -17.82 5.53
N GLU A 104 0.35 -17.99 6.83
CA GLU A 104 0.56 -19.29 7.47
C GLU A 104 -0.30 -20.35 6.79
N ALA A 105 -1.58 -20.02 6.57
CA ALA A 105 -2.51 -20.94 5.91
C ALA A 105 -2.08 -21.33 4.50
N TYR A 106 -1.63 -20.36 3.72
CA TYR A 106 -1.26 -20.66 2.35
C TYR A 106 0.02 -21.50 2.30
N LEU A 107 0.96 -21.20 3.19
CA LEU A 107 2.25 -21.91 3.18
C LEU A 107 2.09 -23.32 3.73
N ALA A 108 1.05 -23.55 4.51
CA ALA A 108 0.74 -24.91 4.95
C ALA A 108 0.21 -25.70 3.74
N GLU A 109 -0.70 -25.07 3.00
CA GLU A 109 -1.24 -25.61 1.75
C GLU A 109 -0.18 -25.77 0.66
N ASN A 110 0.63 -24.73 0.46
CA ASN A 110 1.65 -24.72 -0.60
C ASN A 110 3.01 -24.25 -0.07
N PRO A 111 3.78 -25.16 0.54
CA PRO A 111 5.11 -24.80 1.08
C PRO A 111 6.09 -24.35 -0.01
N GLN A 112 5.77 -24.62 -1.26
CA GLN A 112 6.64 -24.28 -2.37
C GLN A 112 6.30 -22.90 -2.96
N ALA A 113 5.51 -22.12 -2.24
CA ALA A 113 5.04 -20.82 -2.70
C ALA A 113 6.16 -19.78 -2.77
N GLY A 114 7.27 -20.04 -2.11
CA GLY A 114 8.36 -19.09 -2.05
C GLY A 114 8.12 -18.08 -0.94
N THR A 115 8.96 -17.05 -0.87
CA THR A 115 8.81 -16.04 0.16
C THR A 115 7.54 -15.23 -0.05
N LEU A 116 6.76 -15.05 1.01
CA LEU A 116 5.55 -14.23 0.97
C LEU A 116 5.68 -13.10 1.99
N LEU A 117 5.23 -11.91 1.61
CA LEU A 117 5.38 -10.73 2.46
C LEU A 117 4.03 -10.20 2.96
N VAL A 118 4.08 -9.43 4.04
CA VAL A 118 2.94 -8.64 4.50
C VAL A 118 3.36 -7.17 4.59
N ALA A 119 2.67 -6.31 3.87
CA ALA A 119 2.98 -4.89 3.93
C ALA A 119 1.91 -4.16 4.69
N GLY A 120 2.31 -3.34 5.67
CA GLY A 120 1.33 -2.57 6.44
C GLY A 120 0.92 -1.31 5.69
N SER A 121 -0.38 -1.18 5.41
CA SER A 121 -0.86 -0.02 4.68
C SER A 121 -0.83 1.26 5.52
N VAL A 122 -0.16 2.27 4.97
CA VAL A 122 -0.14 3.61 5.53
C VAL A 122 -0.73 4.59 4.54
N GLY A 123 -1.97 5.00 4.80
CA GLY A 123 -2.66 5.92 3.90
C GLY A 123 -2.36 7.36 4.26
N PRO A 124 -2.69 8.29 3.35
CA PRO A 124 -2.38 9.71 3.58
C PRO A 124 -3.34 10.37 4.54
N TYR A 125 -2.93 11.53 5.05
CA TYR A 125 -3.77 12.38 5.90
C TYR A 125 -5.07 12.72 5.17
N GLY A 126 -4.99 12.88 3.86
CA GLY A 126 -6.16 13.18 3.05
C GLY A 126 -7.28 12.16 3.14
N ALA A 127 -6.93 10.90 3.35
CA ALA A 127 -7.92 9.83 3.46
C ALA A 127 -8.69 9.97 4.79
N TYR A 128 -8.02 10.49 5.81
CA TYR A 128 -8.68 10.76 7.07
C TYR A 128 -9.65 11.92 6.95
N LEU A 129 -9.26 12.95 6.20
CA LEU A 129 -10.13 14.08 5.92
C LEU A 129 -11.39 13.63 5.18
N ALA A 130 -11.27 12.53 4.44
CA ALA A 130 -12.41 11.85 3.83
C ALA A 130 -13.22 12.76 2.89
N ASP A 131 -12.53 13.63 2.17
CA ASP A 131 -13.17 14.50 1.19
C ASP A 131 -12.52 14.28 -0.16
N GLY A 132 -11.97 13.08 -0.36
CA GLY A 132 -11.26 12.75 -1.58
C GLY A 132 -9.98 13.55 -1.75
N SER A 133 -9.39 13.95 -0.63
CA SER A 133 -8.20 14.80 -0.66
C SER A 133 -6.92 14.02 -0.90
N GLU A 134 -7.03 12.69 -0.96
CA GLU A 134 -5.85 11.87 -1.24
C GLU A 134 -5.47 11.97 -2.73
N TYR A 135 -6.25 12.75 -3.48
CA TYR A 135 -6.02 12.96 -4.90
C TYR A 135 -5.75 14.43 -5.24
N ARG A 136 -5.93 15.32 -4.26
CA ARG A 136 -5.64 16.73 -4.49
C ARG A 136 -4.41 17.15 -3.67
N GLY A 137 -4.29 16.63 -2.46
CA GLY A 137 -3.17 16.95 -1.59
C GLY A 137 -3.10 18.38 -1.09
N ASP A 138 -4.19 19.14 -1.23
CA ASP A 138 -4.16 20.51 -0.76
C ASP A 138 -4.62 20.59 0.68
N TYR A 139 -3.76 20.16 1.59
CA TYR A 139 -3.98 20.31 3.00
C TYR A 139 -2.67 20.69 3.68
N HIS A 140 -2.77 21.26 4.88
CA HIS A 140 -1.62 21.87 5.52
C HIS A 140 -1.48 21.43 6.98
N CYS A 141 -0.38 20.76 7.28
CA CYS A 141 -0.05 20.35 8.64
C CYS A 141 1.41 20.63 8.90
N SER A 142 1.77 20.93 10.14
CA SER A 142 3.18 21.03 10.50
C SER A 142 3.82 19.65 10.38
N VAL A 143 5.15 19.60 10.32
CA VAL A 143 5.83 18.31 10.30
C VAL A 143 5.40 17.51 11.52
N GLU A 144 5.35 18.17 12.67
CA GLU A 144 4.98 17.51 13.93
C GLU A 144 3.57 16.94 13.89
N ALA A 145 2.66 17.68 13.26
CA ALA A 145 1.26 17.26 13.17
C ALA A 145 1.12 16.04 12.25
N PHE A 146 1.79 16.09 11.11
CA PHE A 146 1.82 14.92 10.22
C PHE A 146 2.40 13.73 10.95
N GLN A 147 3.51 13.95 11.65
CA GLN A 147 4.17 12.86 12.34
C GLN A 147 3.31 12.33 13.49
N ALA A 148 2.64 13.22 14.22
CA ALA A 148 1.72 12.77 15.27
C ALA A 148 0.55 11.96 14.72
N PHE A 149 0.09 12.33 13.53
CA PHE A 149 -1.00 11.61 12.86
C PHE A 149 -0.56 10.20 12.47
N HIS A 150 0.64 10.09 11.93
CA HIS A 150 1.11 8.82 11.38
C HIS A 150 1.77 7.88 12.39
N ARG A 151 2.39 8.45 13.43
N ARG A 151 2.41 8.46 13.42
CA ARG A 151 3.23 7.65 14.34
CA ARG A 151 3.23 7.67 14.35
C ARG A 151 2.57 6.42 14.97
C ARG A 151 2.57 6.41 14.96
N PRO A 152 1.37 6.55 15.57
CA PRO A 152 0.78 5.34 16.19
C PRO A 152 0.56 4.17 15.24
N ARG A 153 0.17 4.46 14.00
CA ARG A 153 -0.07 3.39 13.02
C ARG A 153 1.26 2.76 12.57
N VAL A 154 2.28 3.59 12.35
CA VAL A 154 3.60 3.05 12.01
C VAL A 154 4.07 2.11 13.12
N GLU A 155 3.94 2.54 14.37
CA GLU A 155 4.39 1.71 15.48
C GLU A 155 3.60 0.41 15.58
N ALA A 156 2.28 0.50 15.42
CA ALA A 156 1.43 -0.67 15.56
C ALA A 156 1.69 -1.70 14.46
N LEU A 157 1.91 -1.21 13.24
CA LEU A 157 2.17 -2.10 12.10
C LEU A 157 3.51 -2.82 12.26
N LEU A 158 4.53 -2.10 12.72
CA LEU A 158 5.85 -2.69 12.90
C LEU A 158 5.83 -3.67 14.07
N ASP A 159 5.21 -3.28 15.17
CA ASP A 159 5.16 -4.13 16.36
C ASP A 159 4.39 -5.42 16.11
N ALA A 160 3.40 -5.37 15.20
CA ALA A 160 2.61 -6.54 14.86
C ALA A 160 3.36 -7.44 13.85
N GLY A 161 4.48 -6.96 13.35
CA GLY A 161 5.32 -7.78 12.48
C GLY A 161 5.16 -7.65 10.97
N ALA A 162 4.68 -6.50 10.50
CA ALA A 162 4.73 -6.20 9.06
C ALA A 162 6.18 -6.30 8.54
N ASP A 163 6.36 -6.87 7.35
CA ASP A 163 7.68 -6.96 6.74
C ASP A 163 8.12 -5.61 6.22
N LEU A 164 7.15 -4.85 5.74
CA LEU A 164 7.44 -3.48 5.32
C LEU A 164 6.17 -2.64 5.35
N LEU A 165 6.34 -1.35 5.10
CA LEU A 165 5.27 -0.40 5.13
C LEU A 165 4.95 0.02 3.71
N ALA A 166 3.67 -0.03 3.38
CA ALA A 166 3.17 0.48 2.12
C ALA A 166 2.62 1.89 2.32
N CYS A 167 3.47 2.89 2.16
CA CYS A 167 3.04 4.27 2.31
C CYS A 167 2.48 4.67 0.95
N GLU A 168 1.17 4.76 0.85
CA GLU A 168 0.52 4.73 -0.47
C GLU A 168 -0.54 5.80 -0.69
N THR A 169 -0.87 6.03 -1.96
CA THR A 169 -1.88 7.00 -2.35
C THR A 169 -1.52 8.40 -1.84
N LEU A 170 -0.23 8.70 -1.80
CA LEU A 170 0.29 9.94 -1.21
C LEU A 170 0.27 11.10 -2.22
N PRO A 171 -0.41 12.20 -1.89
CA PRO A 171 -0.59 13.33 -2.81
C PRO A 171 0.21 14.57 -2.45
N ASN A 172 0.80 14.58 -1.26
CA ASN A 172 1.34 15.80 -0.66
C ASN A 172 2.81 15.66 -0.29
N PHE A 173 3.64 16.55 -0.83
CA PHE A 173 5.09 16.51 -0.67
C PHE A 173 5.54 16.75 0.76
N SER A 174 4.93 17.72 1.44
CA SER A 174 5.35 18.02 2.80
C SER A 174 5.06 16.82 3.71
N GLU A 175 3.96 16.12 3.45
CA GLU A 175 3.64 14.91 4.22
C GLU A 175 4.62 13.78 3.89
N ILE A 176 5.00 13.67 2.61
CA ILE A 176 5.99 12.67 2.22
C ILE A 176 7.30 12.89 2.97
N GLU A 177 7.75 14.14 3.08
CA GLU A 177 8.95 14.47 3.84
C GLU A 177 8.83 14.07 5.31
N ALA A 178 7.71 14.46 5.91
CA ALA A 178 7.42 14.15 7.32
C ALA A 178 7.46 12.65 7.56
N LEU A 179 6.86 11.91 6.64
CA LEU A 179 6.82 10.45 6.72
C LEU A 179 8.21 9.80 6.55
N ALA A 180 9.02 10.29 5.62
CA ALA A 180 10.37 9.77 5.45
C ALA A 180 11.20 10.06 6.70
N GLU A 181 11.03 11.26 7.26
CA GLU A 181 11.70 11.62 8.51
C GLU A 181 11.27 10.69 9.66
N LEU A 182 9.96 10.49 9.78
CA LEU A 182 9.39 9.61 10.80
C LEU A 182 10.00 8.20 10.78
N LEU A 183 10.19 7.64 9.60
CA LEU A 183 10.69 6.27 9.48
C LEU A 183 12.09 6.08 10.04
N THR A 184 12.91 7.14 10.00
CA THR A 184 14.26 7.04 10.54
C THR A 184 14.28 6.76 12.05
N ALA A 185 13.17 7.07 12.74
CA ALA A 185 13.08 6.79 14.16
C ALA A 185 12.80 5.31 14.44
N TYR A 186 12.62 4.53 13.37
CA TYR A 186 12.40 3.06 13.46
C TYR A 186 13.37 2.39 12.51
N PRO A 187 14.63 2.23 12.96
CA PRO A 187 15.71 1.88 12.02
C PRO A 187 15.54 0.53 11.30
N ARG A 188 14.72 -0.37 11.82
CA ARG A 188 14.51 -1.67 11.17
C ARG A 188 13.45 -1.60 10.08
N ALA A 189 12.69 -0.51 10.06
CA ALA A 189 11.59 -0.36 9.12
C ALA A 189 12.09 -0.24 7.69
N ARG A 190 11.34 -0.82 6.76
CA ARG A 190 11.54 -0.60 5.34
C ARG A 190 10.20 -0.22 4.73
N ALA A 191 10.20 0.61 3.69
CA ALA A 191 8.93 1.05 3.09
C ALA A 191 9.02 1.26 1.59
N TRP A 192 7.88 1.15 0.90
CA TRP A 192 7.75 1.77 -0.41
C TRP A 192 6.88 3.01 -0.24
N PHE A 193 7.11 3.98 -1.10
CA PHE A 193 6.29 5.18 -1.18
C PHE A 193 5.63 5.22 -2.55
N SER A 194 4.30 5.22 -2.55
CA SER A 194 3.55 5.27 -3.80
C SER A 194 2.64 6.49 -3.81
N PHE A 195 2.56 7.14 -4.97
CA PHE A 195 1.98 8.48 -5.11
C PHE A 195 0.75 8.54 -5.99
N THR A 196 -0.12 9.53 -5.75
CA THR A 196 -1.12 9.93 -6.74
C THR A 196 -0.61 11.16 -7.48
N LEU A 197 -1.07 11.33 -8.72
CA LEU A 197 -0.48 12.29 -9.64
C LEU A 197 -1.47 13.32 -10.16
N ARG A 198 -0.95 14.49 -10.47
CA ARG A 198 -1.68 15.53 -11.18
C ARG A 198 -1.58 15.27 -12.68
N ASP A 199 -0.38 14.88 -13.10
CA ASP A 199 -0.10 14.48 -14.48
C ASP A 199 1.11 13.55 -14.43
N SER A 200 1.60 13.14 -15.60
CA SER A 200 2.65 12.14 -15.64
C SER A 200 3.98 12.59 -15.02
N GLU A 201 4.15 13.88 -14.73
CA GLU A 201 5.39 14.34 -14.10
C GLU A 201 5.19 15.13 -12.81
N HIS A 202 4.00 15.13 -12.25
CA HIS A 202 3.76 15.93 -11.05
C HIS A 202 2.91 15.19 -10.02
N LEU A 203 3.30 15.31 -8.76
CA LEU A 203 2.45 14.94 -7.63
C LEU A 203 1.10 15.62 -7.73
N SER A 204 0.07 15.04 -7.07
CA SER A 204 -1.25 15.65 -7.02
C SER A 204 -1.19 17.12 -6.55
N ASP A 205 -0.32 17.42 -5.58
CA ASP A 205 -0.22 18.79 -5.05
C ASP A 205 0.62 19.73 -5.92
N GLY A 206 1.13 19.23 -7.04
CA GLY A 206 1.87 20.08 -7.97
C GLY A 206 3.38 19.88 -8.03
N THR A 207 3.93 19.18 -7.04
CA THR A 207 5.38 18.98 -6.95
C THR A 207 5.93 18.17 -8.13
N PRO A 208 6.97 18.67 -8.78
CA PRO A 208 7.65 17.86 -9.81
C PRO A 208 8.16 16.54 -9.22
N LEU A 209 7.95 15.43 -9.93
CA LEU A 209 8.39 14.14 -9.41
C LEU A 209 9.90 14.06 -9.22
N ARG A 210 10.68 14.83 -10.00
CA ARG A 210 12.12 14.84 -9.80
C ARG A 210 12.46 15.29 -8.36
N ASP A 211 11.67 16.20 -7.81
CA ASP A 211 11.89 16.69 -6.45
C ASP A 211 11.52 15.63 -5.41
N VAL A 212 10.49 14.84 -5.69
CA VAL A 212 10.07 13.79 -4.76
C VAL A 212 11.12 12.70 -4.73
N VAL A 213 11.57 12.28 -5.90
CA VAL A 213 12.58 11.24 -6.02
C VAL A 213 13.89 11.69 -5.37
N ALA A 214 14.28 12.94 -5.63
CA ALA A 214 15.51 13.47 -5.07
C ALA A 214 15.46 13.47 -3.54
N LEU A 215 14.32 13.86 -2.99
CA LEU A 215 14.16 13.86 -1.55
C LEU A 215 14.31 12.45 -0.98
N LEU A 216 13.53 11.51 -1.53
CA LEU A 216 13.48 10.15 -1.01
C LEU A 216 14.77 9.36 -1.26
N ALA A 217 15.58 9.78 -2.23
CA ALA A 217 16.84 9.10 -2.50
C ALA A 217 17.80 9.16 -1.31
N GLY A 218 17.63 10.18 -0.48
CA GLY A 218 18.45 10.34 0.71
C GLY A 218 18.02 9.52 1.92
N TYR A 219 16.97 8.70 1.76
CA TYR A 219 16.47 7.83 2.82
C TYR A 219 16.53 6.36 2.40
N PRO A 220 17.59 5.65 2.81
CA PRO A 220 17.82 4.25 2.42
C PRO A 220 16.69 3.29 2.81
N GLN A 221 15.94 3.61 3.87
CA GLN A 221 14.83 2.75 4.25
C GLN A 221 13.73 2.69 3.21
N VAL A 222 13.68 3.68 2.31
CA VAL A 222 12.71 3.66 1.21
C VAL A 222 13.28 2.80 0.08
N VAL A 223 12.73 1.60 -0.05
CA VAL A 223 13.33 0.61 -0.94
C VAL A 223 12.62 0.47 -2.28
N ALA A 224 11.51 1.20 -2.44
CA ALA A 224 10.80 1.23 -3.72
C ALA A 224 9.88 2.45 -3.80
N LEU A 225 9.57 2.88 -5.01
CA LEU A 225 8.79 4.08 -5.29
C LEU A 225 7.81 3.76 -6.40
N GLY A 226 6.65 4.40 -6.42
CA GLY A 226 5.78 4.16 -7.56
C GLY A 226 4.47 4.91 -7.53
N ILE A 227 3.48 4.33 -8.20
CA ILE A 227 2.17 4.96 -8.31
C ILE A 227 1.04 3.97 -8.02
N ASN A 228 -0.05 4.45 -7.43
CA ASN A 228 -1.21 3.60 -7.24
C ASN A 228 -2.48 4.44 -7.23
N CYS A 229 -3.62 3.77 -7.36
CA CYS A 229 -4.92 4.43 -7.37
C CYS A 229 -4.99 5.46 -8.48
N ILE A 230 -4.47 5.08 -9.64
CA ILE A 230 -4.44 5.93 -10.82
C ILE A 230 -5.11 5.18 -11.98
N ALA A 231 -5.61 5.91 -12.97
CA ALA A 231 -6.26 5.28 -14.12
C ALA A 231 -5.29 4.45 -14.94
N LEU A 232 -5.76 3.32 -15.47
CA LEU A 232 -4.94 2.46 -16.28
C LEU A 232 -4.20 3.20 -17.39
N GLU A 233 -4.91 4.08 -18.09
CA GLU A 233 -4.35 4.77 -19.24
C GLU A 233 -3.27 5.77 -18.88
N ASN A 234 -3.10 6.03 -17.58
CA ASN A 234 -2.15 7.04 -17.14
C ASN A 234 -0.88 6.46 -16.47
N THR A 235 -0.82 5.14 -16.39
CA THR A 235 0.27 4.47 -15.67
C THR A 235 1.60 4.48 -16.40
N THR A 236 1.61 4.08 -17.67
CA THR A 236 2.87 3.86 -18.37
C THR A 236 3.69 5.15 -18.50
N ALA A 237 3.04 6.27 -18.80
CA ALA A 237 3.75 7.54 -18.94
C ALA A 237 4.42 7.97 -17.64
N ALA A 238 3.71 7.77 -16.53
CA ALA A 238 4.23 8.11 -15.20
C ALA A 238 5.42 7.23 -14.85
N LEU A 239 5.31 5.94 -15.12
CA LEU A 239 6.40 5.01 -14.83
C LEU A 239 7.62 5.32 -15.68
N GLN A 240 7.39 5.61 -16.96
CA GLN A 240 8.52 5.91 -17.85
C GLN A 240 9.28 7.14 -17.35
N HIS A 241 8.55 8.12 -16.80
CA HIS A 241 9.21 9.30 -16.26
C HIS A 241 10.04 8.95 -15.01
N LEU A 242 9.45 8.19 -14.08
CA LEU A 242 10.18 7.72 -12.91
C LEU A 242 11.40 6.87 -13.29
N HIS A 243 11.26 6.08 -14.34
CA HIS A 243 12.32 5.22 -14.87
C HIS A 243 13.58 5.99 -15.26
N GLY A 244 13.41 7.26 -15.63
CA GLY A 244 14.54 8.11 -16.00
C GLY A 244 15.16 8.82 -14.80
N LEU A 245 14.54 8.65 -13.63
CA LEU A 245 14.94 9.38 -12.41
C LEU A 245 15.55 8.48 -11.33
N THR A 246 15.27 7.19 -11.38
CA THR A 246 15.74 6.28 -10.35
C THR A 246 15.80 4.86 -10.89
N VAL A 247 16.63 4.03 -10.29
CA VAL A 247 16.61 2.60 -10.59
C VAL A 247 16.20 1.80 -9.36
N LEU A 248 15.67 2.49 -8.36
CA LEU A 248 14.92 1.77 -7.33
C LEU A 248 13.83 0.97 -8.04
N PRO A 249 13.51 -0.23 -7.51
CA PRO A 249 12.38 -1.00 -8.03
C PRO A 249 11.11 -0.15 -8.02
N LEU A 250 10.37 -0.10 -9.13
CA LEU A 250 9.19 0.76 -9.18
C LEU A 250 7.93 -0.03 -8.87
N VAL A 251 6.99 0.65 -8.22
CA VAL A 251 5.73 0.05 -7.78
C VAL A 251 4.58 0.55 -8.64
N VAL A 252 3.67 -0.35 -9.00
CA VAL A 252 2.52 0.08 -9.77
C VAL A 252 1.32 -0.79 -9.46
N TYR A 253 0.25 -0.17 -8.95
CA TYR A 253 -1.00 -0.87 -8.81
C TYR A 253 -2.15 0.10 -9.05
N PRO A 254 -2.69 0.07 -10.29
CA PRO A 254 -3.70 1.01 -10.73
C PRO A 254 -5.12 0.55 -10.43
N ASN A 255 -6.08 1.44 -10.67
CA ASN A 255 -7.47 1.07 -10.58
C ASN A 255 -7.87 0.18 -11.75
N SER A 256 -8.94 -0.59 -11.55
CA SER A 256 -9.46 -1.48 -12.58
C SER A 256 -9.90 -0.67 -13.80
N GLY A 257 -9.79 -1.27 -14.97
CA GLY A 257 -10.25 -0.65 -16.19
C GLY A 257 -11.74 -0.90 -16.42
N GLN A 276 -7.43 -4.18 -20.24
CA GLN A 276 -7.19 -5.12 -19.15
C GLN A 276 -5.89 -4.82 -18.42
N LEU A 277 -5.93 -4.87 -17.09
CA LEU A 277 -4.79 -4.53 -16.26
C LEU A 277 -3.55 -5.36 -16.62
N ALA A 278 -3.71 -6.68 -16.68
CA ALA A 278 -2.58 -7.57 -16.94
C ALA A 278 -1.94 -7.38 -18.34
N ASP A 279 -2.67 -6.80 -19.28
CA ASP A 279 -2.13 -6.56 -20.62
C ASP A 279 -0.96 -5.57 -20.61
N TYR A 280 -0.87 -4.77 -19.56
CA TYR A 280 0.16 -3.75 -19.43
C TYR A 280 1.49 -4.25 -18.88
N LEU A 281 1.53 -5.49 -18.41
CA LEU A 281 2.70 -5.99 -17.72
C LEU A 281 4.01 -5.83 -18.51
N PRO A 282 4.01 -6.13 -19.83
CA PRO A 282 5.29 -5.90 -20.54
C PRO A 282 5.72 -4.42 -20.61
N GLN A 283 4.81 -3.49 -20.88
CA GLN A 283 5.16 -2.07 -20.90
C GLN A 283 5.69 -1.63 -19.54
N TRP A 284 4.99 -2.07 -18.49
CA TRP A 284 5.36 -1.66 -17.12
C TRP A 284 6.72 -2.20 -16.73
N GLN A 285 6.97 -3.48 -17.02
CA GLN A 285 8.22 -4.11 -16.64
C GLN A 285 9.38 -3.46 -17.38
N ALA A 286 9.14 -3.09 -18.63
CA ALA A 286 10.16 -2.43 -19.43
C ALA A 286 10.46 -1.04 -18.90
N ALA A 287 9.52 -0.49 -18.13
CA ALA A 287 9.70 0.83 -17.53
C ALA A 287 10.20 0.75 -16.10
N GLY A 288 10.71 -0.39 -15.68
CA GLY A 288 11.36 -0.53 -14.39
C GLY A 288 10.44 -0.94 -13.24
N ALA A 289 9.19 -1.26 -13.55
CA ALA A 289 8.27 -1.73 -12.51
C ALA A 289 8.68 -3.14 -12.09
N ARG A 290 8.75 -3.38 -10.78
CA ARG A 290 9.04 -4.72 -10.29
C ARG A 290 8.08 -5.17 -9.18
N LEU A 291 7.21 -4.27 -8.76
CA LEU A 291 6.15 -4.62 -7.79
C LEU A 291 4.84 -4.22 -8.44
N ILE A 292 4.01 -5.20 -8.77
CA ILE A 292 2.85 -4.97 -9.59
C ILE A 292 1.59 -5.61 -8.96
N GLY A 293 0.53 -4.83 -8.83
CA GLY A 293 -0.74 -5.35 -8.34
C GLY A 293 -1.90 -4.51 -8.80
N GLY A 294 -2.96 -4.49 -8.01
CA GLY A 294 -4.16 -3.73 -8.36
C GLY A 294 -4.66 -2.87 -7.23
N CYS A 295 -5.37 -1.81 -7.58
CA CYS A 295 -5.98 -0.94 -6.58
C CYS A 295 -7.52 -1.03 -6.70
N CYS A 296 -8.19 0.11 -6.80
CA CYS A 296 -9.66 0.14 -6.70
C CYS A 296 -10.36 -0.70 -7.75
N ARG A 297 -11.31 -1.50 -7.27
CA ARG A 297 -12.18 -2.34 -8.10
C ARG A 297 -11.47 -3.53 -8.72
N THR A 298 -10.20 -3.73 -8.38
CA THR A 298 -9.52 -4.96 -8.79
C THR A 298 -9.88 -6.07 -7.83
N THR A 299 -9.67 -7.30 -8.29
CA THR A 299 -10.05 -8.49 -7.54
C THR A 299 -8.94 -9.51 -7.77
N PRO A 300 -9.04 -10.69 -7.12
CA PRO A 300 -8.03 -11.72 -7.39
C PRO A 300 -7.98 -12.17 -8.87
N ALA A 301 -9.00 -11.84 -9.66
CA ALA A 301 -8.97 -12.17 -11.09
C ALA A 301 -7.86 -11.42 -11.80
N ASP A 302 -7.65 -10.16 -11.42
CA ASP A 302 -6.57 -9.35 -11.98
C ASP A 302 -5.19 -9.90 -11.62
N ILE A 303 -5.04 -10.32 -10.37
CA ILE A 303 -3.78 -10.89 -9.90
C ILE A 303 -3.50 -12.21 -10.61
N ALA A 304 -4.54 -13.02 -10.78
CA ALA A 304 -4.43 -14.29 -11.50
C ALA A 304 -3.99 -14.04 -12.95
N ALA A 305 -4.56 -13.02 -13.58
CA ALA A 305 -4.16 -12.67 -14.94
C ALA A 305 -2.70 -12.22 -15.01
N LEU A 306 -2.25 -11.46 -14.01
CA LEU A 306 -0.86 -10.98 -13.99
C LEU A 306 0.08 -12.15 -13.83
N LYS A 307 -0.32 -13.09 -12.99
CA LYS A 307 0.49 -14.27 -12.69
C LYS A 307 0.70 -15.10 -13.97
N ALA A 308 -0.37 -15.25 -14.74
CA ALA A 308 -0.33 -16.02 -15.98
C ALA A 308 0.56 -15.34 -17.02
N ARG A 309 0.57 -14.02 -17.03
CA ARG A 309 1.35 -13.27 -18.02
C ARG A 309 2.81 -13.10 -17.61
N SER A 310 3.13 -13.46 -16.37
CA SER A 310 4.50 -13.38 -15.90
C SER A 310 5.13 -14.75 -15.78
ZN ZN B . -6.74 2.89 -4.98
ZN ZN C . -3.33 25.01 0.33
ZN ZN D . 7.11 22.32 12.85
C1 BME E . -12.09 -0.45 -3.45
C2 BME E . -11.76 0.93 -4.01
O1 BME E . -12.54 -1.30 -4.49
S2 BME E . -10.07 1.46 -3.58
N HCS F . -6.65 0.75 0.87
CA HCS F . -5.96 0.49 -0.38
CB HCS F . -5.56 1.81 -1.03
CG HCS F . -6.80 2.65 -1.36
SD HCS F . -6.32 4.03 -2.42
C HCS F . -4.73 -0.32 -0.11
OXT HCS F . -4.45 -0.62 1.07
O HCS F . -4.01 -0.68 -1.08
#